data_4O6W
#
_entry.id   4O6W
#
_cell.length_a   35.819
_cell.length_b   51.275
_cell.length_c   58.006
_cell.angle_alpha   90.00
_cell.angle_beta   101.19
_cell.angle_gamma   90.00
#
_symmetry.space_group_name_H-M   'P 1 21 1'
#
loop_
_entity.id
_entity.type
_entity.pdbx_description
1 polymer 'Serine/threonine-protein kinase PLK1'
2 polymer 'Peptide-Based inhibitor'
3 water water
#
loop_
_entity_poly.entity_id
_entity_poly.type
_entity_poly.pdbx_seq_one_letter_code
_entity_poly.pdbx_strand_id
1 'polypeptide(L)'
;GAHMDCHLSDMLQQLHSVNASKPSERGLVRQEEAEDPACIPIFWVSKWVDYSDKYGLGYQLCDNSVGVLFNDSTRLILYN
DGDSLQYIERDGTESYLTVSSHPNSLMKKITLLKYFRNYMSEHLLKAGANITPREGDELARLPYLRTWFRTRSAIILHLS
NGSVQINFFQDHTKLILCPLMAAVTYIDEKRDFRTYRLSLLEEYGCCKELASRLRYARTMVDKLLSSRSASNRLKAS
;
A
2 'polypeptide(L)' (ACE)PL(2SO)S(TPO)(NH2) C
#
loop_
_chem_comp.id
_chem_comp.type
_chem_comp.name
_chem_comp.formula
ACE non-polymer 'ACETYL GROUP' 'C2 H4 O'
NH2 non-polymer 'AMINO GROUP' 'H2 N'
#
# COMPACT_ATOMS: atom_id res chain seq x y z
N HIS A 7 -2.34 13.77 -6.11
CA HIS A 7 -2.20 12.39 -6.51
C HIS A 7 -3.53 11.65 -6.52
N LEU A 8 -4.33 11.83 -5.48
CA LEU A 8 -5.62 11.14 -5.37
C LEU A 8 -6.60 11.56 -6.46
N SER A 9 -6.62 12.85 -6.78
CA SER A 9 -7.49 13.36 -7.83
C SER A 9 -7.12 12.75 -9.18
N ASP A 10 -5.83 12.65 -9.44
CA ASP A 10 -5.35 12.03 -10.68
C ASP A 10 -5.72 10.56 -10.72
N MET A 11 -5.58 9.87 -9.58
CA MET A 11 -5.93 8.47 -9.50
C MET A 11 -7.41 8.25 -9.77
N LEU A 12 -8.24 9.14 -9.23
CA LEU A 12 -9.68 9.06 -9.43
C LEU A 12 -10.02 9.20 -10.91
N GLN A 13 -9.38 10.15 -11.58
CA GLN A 13 -9.61 10.37 -13.00
C GLN A 13 -9.18 9.16 -13.82
N GLN A 14 -8.04 8.59 -13.45
CA GLN A 14 -7.52 7.40 -14.13
C GLN A 14 -8.46 6.21 -13.96
N LEU A 15 -8.94 6.00 -12.74
CA LEU A 15 -9.86 4.92 -12.46
C LEU A 15 -11.23 5.13 -13.12
N HIS A 16 -11.70 6.37 -13.08
CA HIS A 16 -12.97 6.68 -13.72
C HIS A 16 -12.91 6.37 -15.22
N SER A 17 -11.79 6.75 -15.83
CA SER A 17 -11.61 6.55 -17.27
C SER A 17 -11.61 5.08 -17.65
N VAL A 18 -10.89 4.26 -16.87
CA VAL A 18 -10.86 2.83 -17.18
C VAL A 18 -12.22 2.17 -16.94
N ASN A 19 -12.87 2.51 -15.81
CA ASN A 19 -14.17 1.92 -15.52
C ASN A 19 -15.23 2.31 -16.53
N ALA A 20 -15.17 3.54 -17.02
CA ALA A 20 -16.15 4.03 -18.00
C ALA A 20 -15.98 3.34 -19.35
N SER A 21 -14.81 2.74 -19.59
CA SER A 21 -14.56 2.05 -20.85
C SER A 21 -15.15 0.64 -20.86
N LYS A 22 -15.70 0.23 -19.71
CA LYS A 22 -16.31 -1.09 -19.56
C LYS A 22 -15.40 -2.23 -20.05
N PRO A 23 -14.22 -2.36 -19.43
CA PRO A 23 -13.17 -3.24 -19.95
C PRO A 23 -13.56 -4.72 -20.05
N SER A 24 -14.55 -5.17 -19.27
CA SER A 24 -14.92 -6.57 -19.27
C SER A 24 -16.22 -6.87 -20.02
N GLU A 25 -16.84 -5.83 -20.56
CA GLU A 25 -18.20 -5.96 -21.10
C GLU A 25 -18.30 -5.68 -22.60
N ARG A 26 -17.19 -5.83 -23.31
CA ARG A 26 -17.18 -5.53 -24.74
C ARG A 26 -16.71 -6.72 -25.57
N GLY A 27 -15.75 -6.50 -26.47
CA GLY A 27 -15.28 -7.54 -27.34
C GLY A 27 -14.28 -8.47 -26.69
N LEU A 28 -13.40 -9.04 -27.51
CA LEU A 28 -12.33 -9.93 -27.05
C LEU A 28 -11.42 -9.24 -26.04
N VAL A 29 -11.30 -9.83 -24.85
CA VAL A 29 -10.42 -9.30 -23.82
C VAL A 29 -8.97 -9.68 -24.12
N ARG A 30 -8.11 -8.67 -24.22
CA ARG A 30 -6.71 -8.86 -24.51
C ARG A 30 -5.87 -8.32 -23.37
N GLN A 31 -6.22 -8.75 -22.15
CA GLN A 31 -5.62 -8.26 -20.92
C GLN A 31 -4.09 -8.29 -20.90
N GLU A 32 -3.53 -9.34 -21.49
CA GLU A 32 -2.08 -9.51 -21.52
C GLU A 32 -1.37 -8.36 -22.23
N GLU A 33 -2.02 -7.76 -23.22
CA GLU A 33 -1.43 -6.66 -23.96
C GLU A 33 -1.39 -5.35 -23.16
N ALA A 34 -2.07 -5.34 -22.01
CA ALA A 34 -2.09 -4.17 -21.14
C ALA A 34 -0.99 -4.23 -20.08
N GLU A 35 -0.28 -5.36 -20.02
CA GLU A 35 0.80 -5.52 -19.06
C GLU A 35 1.96 -4.61 -19.41
N ASP A 36 2.55 -3.98 -18.39
CA ASP A 36 3.76 -3.19 -18.58
C ASP A 36 4.67 -3.38 -17.38
N PRO A 37 5.65 -4.28 -17.51
CA PRO A 37 6.55 -4.60 -16.39
C PRO A 37 7.44 -3.43 -15.97
N ALA A 38 7.57 -2.42 -16.83
CA ALA A 38 8.36 -1.24 -16.49
C ALA A 38 7.64 -0.37 -15.46
N CYS A 39 6.36 -0.63 -15.25
CA CYS A 39 5.54 0.16 -14.33
C CYS A 39 5.43 -0.45 -12.95
N ILE A 40 6.15 -1.54 -12.71
CA ILE A 40 6.15 -2.20 -11.41
C ILE A 40 6.49 -1.17 -10.32
N PRO A 41 5.74 -1.20 -9.21
CA PRO A 41 6.02 -0.25 -8.13
C PRO A 41 7.37 -0.45 -7.47
N ILE A 42 7.92 0.63 -6.92
CA ILE A 42 9.14 0.56 -6.15
C ILE A 42 8.82 0.10 -4.73
N PHE A 43 7.68 0.54 -4.21
CA PHE A 43 7.28 0.23 -2.85
C PHE A 43 5.83 -0.26 -2.76
N TRP A 44 5.60 -1.18 -1.84
CA TRP A 44 4.26 -1.55 -1.43
C TRP A 44 4.33 -2.09 -0.01
N VAL A 45 3.17 -2.27 0.62
CA VAL A 45 3.12 -2.80 1.97
C VAL A 45 3.15 -4.33 1.94
N SER A 46 4.20 -4.91 2.53
CA SER A 46 4.37 -6.36 2.53
C SER A 46 3.71 -7.04 3.73
N LYS A 47 3.62 -6.34 4.85
CA LYS A 47 2.98 -6.85 6.06
C LYS A 47 2.39 -5.68 6.84
N TRP A 48 1.34 -5.93 7.60
CA TRP A 48 0.79 -4.90 8.48
C TRP A 48 0.18 -5.49 9.75
N VAL A 49 0.13 -4.68 10.80
CA VAL A 49 -0.43 -5.06 12.08
C VAL A 49 -1.28 -3.91 12.60
N ASP A 50 -2.58 -4.16 12.76
CA ASP A 50 -3.50 -3.15 13.28
C ASP A 50 -3.61 -3.29 14.80
N TYR A 51 -2.86 -2.45 15.51
CA TYR A 51 -2.98 -2.35 16.96
C TYR A 51 -3.49 -0.96 17.29
N SER A 52 -4.41 -0.46 16.48
CA SER A 52 -4.90 0.91 16.62
C SER A 52 -5.80 1.07 17.85
N ASP A 53 -6.18 -0.04 18.46
CA ASP A 53 -6.95 -0.02 19.70
C ASP A 53 -6.16 0.68 20.80
N LYS A 54 -4.83 0.65 20.70
CA LYS A 54 -3.97 1.21 21.74
C LYS A 54 -2.85 2.10 21.21
N TYR A 55 -2.16 1.65 20.16
CA TYR A 55 -0.92 2.29 19.74
C TYR A 55 -0.95 2.85 18.33
N GLY A 56 -1.36 2.02 17.37
CA GLY A 56 -1.43 2.45 16.00
C GLY A 56 -1.31 1.34 14.98
N LEU A 57 -0.98 1.71 13.75
CA LEU A 57 -0.88 0.78 12.64
C LEU A 57 0.60 0.61 12.28
N GLY A 58 1.11 -0.60 12.45
CA GLY A 58 2.47 -0.91 12.08
C GLY A 58 2.50 -1.61 10.73
N TYR A 59 3.52 -1.34 9.94
CA TYR A 59 3.60 -1.96 8.62
C TYR A 59 5.03 -2.18 8.19
N GLN A 60 5.22 -3.11 7.27
CA GLN A 60 6.52 -3.34 6.67
C GLN A 60 6.40 -3.04 5.19
N LEU A 61 7.38 -2.34 4.64
CA LEU A 61 7.43 -2.14 3.21
C LEU A 61 8.26 -3.25 2.59
N CYS A 62 8.12 -3.43 1.28
CA CYS A 62 8.75 -4.55 0.58
C CYS A 62 10.27 -4.53 0.66
N ASP A 63 10.85 -3.38 1.00
CA ASP A 63 12.29 -3.26 1.14
C ASP A 63 12.77 -3.60 2.54
N ASN A 64 11.89 -4.17 3.35
CA ASN A 64 12.16 -4.56 4.74
C ASN A 64 12.26 -3.40 5.72
N SER A 65 11.96 -2.19 5.26
CA SER A 65 11.82 -1.07 6.17
C SER A 65 10.50 -1.21 6.89
N VAL A 66 10.35 -0.56 8.04
CA VAL A 66 9.12 -0.66 8.81
C VAL A 66 8.65 0.75 9.19
N GLY A 67 7.35 0.90 9.41
CA GLY A 67 6.81 2.17 9.84
C GLY A 67 5.67 1.98 10.81
N VAL A 68 5.37 3.03 11.56
CA VAL A 68 4.19 3.05 12.41
C VAL A 68 3.50 4.39 12.25
N LEU A 69 2.19 4.35 11.99
CA LEU A 69 1.37 5.54 12.10
C LEU A 69 0.67 5.44 13.44
N PHE A 70 1.14 6.22 14.41
CA PHE A 70 0.61 6.17 15.76
C PHE A 70 -0.76 6.83 15.87
N ASN A 71 -1.48 6.53 16.95
CA ASN A 71 -2.81 7.09 17.16
C ASN A 71 -2.86 8.61 17.27
N ASP A 72 -1.72 9.23 17.61
CA ASP A 72 -1.66 10.68 17.73
C ASP A 72 -1.26 11.37 16.43
N SER A 73 -1.35 10.60 15.34
CA SER A 73 -1.04 11.08 13.99
C SER A 73 0.43 11.45 13.79
N THR A 74 1.31 10.92 14.65
CA THR A 74 2.74 11.02 14.42
C THR A 74 3.23 9.72 13.78
N ARG A 75 4.41 9.77 13.17
CA ARG A 75 4.92 8.64 12.41
C ARG A 75 6.38 8.37 12.71
N LEU A 76 6.73 7.10 12.78
CA LEU A 76 8.12 6.69 12.95
C LEU A 76 8.45 5.67 11.85
N ILE A 77 9.54 5.92 11.14
CA ILE A 77 9.97 5.05 10.05
C ILE A 77 11.38 4.55 10.31
N LEU A 78 11.55 3.23 10.31
CA LEU A 78 12.85 2.62 10.46
C LEU A 78 13.33 2.11 9.11
N TYR A 79 14.42 2.67 8.61
CA TYR A 79 14.99 2.25 7.33
C TYR A 79 15.50 0.82 7.40
N ASN A 80 15.75 0.21 6.25
CA ASN A 80 16.12 -1.20 6.25
C ASN A 80 17.51 -1.52 6.78
N ASP A 81 18.28 -0.50 7.14
CA ASP A 81 19.57 -0.75 7.78
C ASP A 81 19.38 -1.17 9.25
N GLY A 82 18.15 -1.06 9.72
CA GLY A 82 17.79 -1.56 11.04
C GLY A 82 18.11 -0.61 12.18
N ASP A 83 18.56 0.59 11.85
CA ASP A 83 18.93 1.54 12.90
C ASP A 83 18.51 2.99 12.59
N SER A 84 18.60 3.39 11.34
CA SER A 84 18.26 4.76 10.96
C SER A 84 16.76 5.02 11.06
N LEU A 85 16.40 6.13 11.71
CA LEU A 85 15.02 6.48 11.97
C LEU A 85 14.64 7.85 11.43
N GLN A 86 13.42 7.95 10.92
CA GLN A 86 12.81 9.24 10.61
C GLN A 86 11.56 9.40 11.45
N TYR A 87 11.43 10.53 12.13
CA TYR A 87 10.22 10.83 12.89
C TYR A 87 9.49 12.01 12.28
N ILE A 88 8.16 11.90 12.18
CA ILE A 88 7.36 12.98 11.64
C ILE A 88 6.31 13.41 12.67
N GLU A 89 6.43 14.66 13.13
CA GLU A 89 5.51 15.20 14.13
C GLU A 89 4.16 15.52 13.52
N ARG A 90 3.24 15.96 14.37
CA ARG A 90 1.90 16.35 13.94
C ARG A 90 1.94 17.49 12.93
N ASP A 91 2.80 18.48 13.21
CA ASP A 91 2.91 19.65 12.34
C ASP A 91 3.68 19.36 11.05
N GLY A 92 4.15 18.13 10.91
CA GLY A 92 4.81 17.70 9.69
C GLY A 92 6.33 17.76 9.74
N THR A 93 6.88 18.26 10.83
CA THR A 93 8.32 18.38 10.98
C THR A 93 8.98 17.00 10.94
N GLU A 94 9.98 16.86 10.08
CA GLU A 94 10.69 15.59 9.93
C GLU A 94 12.05 15.64 10.61
N SER A 95 12.28 14.70 11.52
CA SER A 95 13.53 14.61 12.24
C SER A 95 14.23 13.30 11.93
N TYR A 96 15.56 13.30 11.98
CA TYR A 96 16.34 12.09 11.72
C TYR A 96 17.21 11.73 12.92
N LEU A 97 17.27 10.43 13.21
CA LEU A 97 17.91 9.91 14.41
C LEU A 97 18.21 8.44 14.20
N THR A 98 18.58 7.74 15.26
CA THR A 98 18.76 6.29 15.20
C THR A 98 18.10 5.64 16.41
N VAL A 99 18.01 4.32 16.37
CA VAL A 99 17.48 3.55 17.49
C VAL A 99 18.34 3.73 18.74
N SER A 100 19.65 3.85 18.54
CA SER A 100 20.57 4.01 19.67
C SER A 100 20.66 5.46 20.16
N SER A 101 20.52 6.40 19.24
CA SER A 101 20.70 7.82 19.56
C SER A 101 19.44 8.63 19.26
N HIS A 102 18.66 8.89 20.29
CA HIS A 102 17.37 9.55 20.12
C HIS A 102 17.00 10.38 21.34
N PRO A 103 16.13 11.38 21.18
CA PRO A 103 15.63 12.13 22.33
C PRO A 103 14.88 11.20 23.28
N ASN A 104 14.99 11.44 24.58
CA ASN A 104 14.31 10.59 25.55
C ASN A 104 12.80 10.57 25.34
N SER A 105 12.27 11.67 24.79
CA SER A 105 10.84 11.78 24.52
C SER A 105 10.32 10.75 23.53
N LEU A 106 11.22 10.15 22.75
CA LEU A 106 10.80 9.17 21.75
C LEU A 106 11.01 7.73 22.20
N MET A 107 11.39 7.55 23.45
CA MET A 107 11.67 6.22 23.99
C MET A 107 10.50 5.25 23.84
N LYS A 108 9.31 5.69 24.23
CA LYS A 108 8.13 4.83 24.16
C LYS A 108 7.80 4.45 22.72
N LYS A 109 7.80 5.43 21.83
CA LYS A 109 7.46 5.20 20.44
C LYS A 109 8.47 4.29 19.74
N ILE A 110 9.74 4.48 20.03
CA ILE A 110 10.78 3.63 19.46
C ILE A 110 10.64 2.19 19.96
N THR A 111 10.34 2.03 21.24
CA THR A 111 10.10 0.71 21.82
C THR A 111 8.93 0.03 21.13
N LEU A 112 7.85 0.76 20.90
CA LEU A 112 6.69 0.22 20.20
C LEU A 112 7.04 -0.23 18.79
N LEU A 113 7.81 0.59 18.07
CA LEU A 113 8.23 0.22 16.71
C LEU A 113 9.02 -1.08 16.73
N LYS A 114 9.90 -1.23 17.72
CA LYS A 114 10.68 -2.46 17.88
C LYS A 114 9.77 -3.67 17.99
N TYR A 115 8.72 -3.56 18.80
CA TYR A 115 7.76 -4.64 18.97
C TYR A 115 7.07 -4.98 17.65
N PHE A 116 6.59 -3.96 16.95
CA PHE A 116 5.97 -4.15 15.63
C PHE A 116 6.94 -4.82 14.67
N ARG A 117 8.17 -4.30 14.63
CA ARG A 117 9.21 -4.81 13.74
C ARG A 117 9.48 -6.29 13.98
N ASN A 118 9.73 -6.65 15.24
CA ASN A 118 10.04 -8.02 15.59
C ASN A 118 8.90 -8.99 15.24
N TYR A 119 7.66 -8.56 15.49
CA TYR A 119 6.50 -9.38 15.14
C TYR A 119 6.44 -9.64 13.64
N MET A 120 6.70 -8.60 12.85
CA MET A 120 6.62 -8.73 11.40
C MET A 120 7.89 -9.33 10.79
N SER A 121 8.89 -9.57 11.62
CA SER A 121 10.09 -10.26 11.16
C SER A 121 9.94 -11.75 11.44
N GLU A 122 9.16 -12.07 12.47
CA GLU A 122 9.03 -13.43 12.94
C GLU A 122 7.80 -14.17 12.42
N HIS A 123 6.73 -13.46 12.08
N HIS A 123 6.77 -13.40 12.10
CA HIS A 123 5.41 -14.12 12.02
CA HIS A 123 5.52 -13.96 11.66
C HIS A 123 4.49 -14.10 10.77
C HIS A 123 5.10 -13.28 10.38
N LEU A 124 4.73 -13.24 9.79
N LEU A 124 4.02 -13.80 9.79
CA LEU A 124 3.78 -13.13 8.67
CA LEU A 124 3.41 -13.22 8.60
C LEU A 124 4.38 -13.37 7.28
C LEU A 124 4.25 -13.38 7.35
N LEU A 125 3.55 -13.51 6.24
CA LEU A 125 4.09 -13.68 4.90
C LEU A 125 4.39 -12.32 4.30
N LYS A 126 5.41 -12.27 3.45
CA LYS A 126 5.77 -11.07 2.72
C LYS A 126 4.92 -10.98 1.46
N ALA A 127 4.00 -10.01 1.41
CA ALA A 127 3.23 -9.79 0.19
C ALA A 127 4.16 -9.34 -0.93
N GLY A 128 3.97 -9.92 -2.12
CA GLY A 128 4.80 -9.58 -3.26
C GLY A 128 6.24 -10.05 -3.13
N ALA A 129 6.44 -11.16 -2.42
CA ALA A 129 7.77 -11.71 -2.23
C ALA A 129 8.40 -12.13 -3.56
N ASN A 130 7.55 -12.53 -4.50
CA ASN A 130 8.02 -12.97 -5.81
C ASN A 130 8.18 -11.83 -6.82
N ILE A 131 8.00 -10.60 -6.34
CA ILE A 131 8.10 -9.42 -7.21
C ILE A 131 9.45 -8.75 -7.09
N THR A 132 10.03 -8.38 -8.23
CA THR A 132 11.23 -7.56 -8.26
C THR A 132 10.81 -6.10 -8.28
N PRO A 133 11.07 -5.37 -7.18
CA PRO A 133 10.69 -3.95 -7.11
C PRO A 133 11.46 -3.11 -8.10
N ARG A 134 10.85 -2.02 -8.56
CA ARG A 134 11.51 -1.09 -9.47
C ARG A 134 12.59 -0.30 -8.72
N GLU A 135 13.61 0.14 -9.43
CA GLU A 135 14.67 0.95 -8.82
C GLU A 135 14.64 2.38 -9.36
N ARG A 141 14.65 8.11 -0.20
CA ARG A 141 13.63 8.67 0.69
C ARG A 141 12.37 7.81 0.66
N LEU A 142 12.07 7.17 1.79
CA LEU A 142 10.96 6.23 1.87
C LEU A 142 9.59 6.91 1.91
N PRO A 143 8.60 6.30 1.27
CA PRO A 143 7.23 6.77 1.44
C PRO A 143 6.73 6.32 2.81
N TYR A 144 5.83 7.09 3.40
CA TYR A 144 5.23 6.69 4.67
C TYR A 144 3.74 6.51 4.50
N LEU A 145 3.09 5.94 5.51
CA LEU A 145 1.66 5.75 5.46
C LEU A 145 0.96 7.07 5.78
N ARG A 146 0.35 7.69 4.78
CA ARG A 146 -0.37 8.94 5.00
C ARG A 146 -1.64 8.69 5.79
N THR A 147 -2.43 7.72 5.33
CA THR A 147 -3.64 7.35 6.04
C THR A 147 -4.06 5.95 5.62
N TRP A 148 -4.97 5.37 6.40
CA TRP A 148 -5.47 4.04 6.11
C TRP A 148 -6.85 3.91 6.73
N PHE A 149 -7.63 2.98 6.21
CA PHE A 149 -8.89 2.62 6.85
C PHE A 149 -9.24 1.20 6.45
N ARG A 150 -10.20 0.62 7.16
CA ARG A 150 -10.66 -0.72 6.84
C ARG A 150 -12.15 -0.73 6.54
N THR A 151 -12.56 -1.65 5.68
CA THR A 151 -13.96 -1.93 5.45
C THR A 151 -14.15 -3.38 5.87
N ARG A 152 -15.37 -3.92 5.71
CA ARG A 152 -15.59 -5.33 6.01
C ARG A 152 -14.75 -6.21 5.09
N SER A 153 -14.50 -5.73 3.88
CA SER A 153 -13.89 -6.56 2.84
C SER A 153 -12.41 -6.32 2.60
N ALA A 154 -11.88 -5.18 3.06
CA ALA A 154 -10.53 -4.80 2.68
C ALA A 154 -9.87 -3.81 3.63
N ILE A 155 -8.54 -3.74 3.54
CA ILE A 155 -7.80 -2.66 4.17
C ILE A 155 -7.22 -1.78 3.06
N ILE A 156 -7.31 -0.46 3.26
CA ILE A 156 -6.92 0.51 2.27
C ILE A 156 -5.76 1.32 2.83
N LEU A 157 -4.63 1.31 2.13
CA LEU A 157 -3.41 1.93 2.61
C LEU A 157 -2.93 2.98 1.61
N HIS A 158 -2.86 4.23 2.06
CA HIS A 158 -2.48 5.34 1.19
C HIS A 158 -1.07 5.81 1.54
N LEU A 159 -0.13 5.64 0.61
CA LEU A 159 1.25 6.03 0.86
C LEU A 159 1.53 7.47 0.42
N SER A 160 2.55 8.07 1.01
CA SER A 160 2.89 9.47 0.76
C SER A 160 3.42 9.71 -0.66
N ASN A 161 3.75 8.64 -1.37
CA ASN A 161 4.17 8.78 -2.76
C ASN A 161 3.00 8.74 -3.73
N GLY A 162 1.78 8.72 -3.20
CA GLY A 162 0.59 8.73 -4.02
C GLY A 162 -0.04 7.36 -4.23
N SER A 163 0.73 6.31 -3.97
CA SER A 163 0.22 4.96 -4.16
C SER A 163 -0.92 4.64 -3.20
N VAL A 164 -1.88 3.86 -3.69
CA VAL A 164 -2.95 3.35 -2.86
C VAL A 164 -2.97 1.84 -3.00
N GLN A 165 -2.86 1.14 -1.87
CA GLN A 165 -2.89 -0.32 -1.87
C GLN A 165 -4.16 -0.80 -1.20
N ILE A 166 -4.80 -1.78 -1.84
CA ILE A 166 -6.03 -2.36 -1.31
C ILE A 166 -5.85 -3.87 -1.18
N ASN A 167 -5.91 -4.37 0.05
CA ASN A 167 -5.80 -5.80 0.31
C ASN A 167 -7.18 -6.36 0.66
N PHE A 168 -7.67 -7.29 -0.13
CA PHE A 168 -8.96 -7.93 0.16
C PHE A 168 -8.80 -9.10 1.12
N PHE A 169 -9.55 -9.07 2.21
CA PHE A 169 -9.39 -10.04 3.29
C PHE A 169 -9.75 -11.46 2.89
N GLN A 170 -10.90 -11.63 2.22
CA GLN A 170 -11.47 -12.95 2.04
C GLN A 170 -10.69 -13.82 1.06
N ASP A 171 -10.26 -13.23 -0.06
CA ASP A 171 -9.59 -13.99 -1.10
C ASP A 171 -8.09 -13.70 -1.23
N HIS A 172 -7.59 -12.78 -0.40
CA HIS A 172 -6.17 -12.43 -0.36
C HIS A 172 -5.64 -11.77 -1.63
N THR A 173 -6.55 -11.30 -2.48
CA THR A 173 -6.12 -10.57 -3.67
C THR A 173 -5.80 -9.13 -3.29
N LYS A 174 -4.94 -8.50 -4.07
CA LYS A 174 -4.46 -7.15 -3.73
C LYS A 174 -4.31 -6.28 -4.96
N LEU A 175 -4.53 -4.98 -4.79
CA LEU A 175 -4.24 -3.99 -5.81
C LEU A 175 -3.22 -3.00 -5.29
N ILE A 176 -2.24 -2.67 -6.12
CA ILE A 176 -1.34 -1.55 -5.83
C ILE A 176 -1.49 -0.55 -6.96
N LEU A 177 -2.08 0.60 -6.64
CA LEU A 177 -2.35 1.64 -7.61
C LEU A 177 -1.35 2.77 -7.50
N CYS A 178 -0.75 3.17 -8.62
CA CYS A 178 0.15 4.31 -8.62
C CYS A 178 -0.30 5.34 -9.65
N PRO A 179 -0.56 6.57 -9.20
CA PRO A 179 -1.04 7.63 -10.09
C PRO A 179 0.08 8.25 -10.93
N LEU A 180 1.33 8.02 -10.55
CA LEU A 180 2.47 8.56 -11.30
C LEU A 180 2.71 7.72 -12.53
N MET A 181 2.67 6.40 -12.35
CA MET A 181 2.78 5.46 -13.45
C MET A 181 1.43 5.27 -14.16
N ALA A 182 0.36 5.75 -13.51
CA ALA A 182 -1.01 5.49 -13.96
C ALA A 182 -1.18 4.00 -14.22
N ALA A 183 -0.82 3.21 -13.22
CA ALA A 183 -0.76 1.77 -13.35
C ALA A 183 -1.40 1.08 -12.15
N VAL A 184 -1.74 -0.19 -12.34
CA VAL A 184 -2.23 -1.01 -11.25
C VAL A 184 -1.53 -2.37 -11.27
N THR A 185 -1.07 -2.81 -10.11
CA THR A 185 -0.53 -4.14 -9.96
C THR A 185 -1.55 -5.00 -9.26
N TYR A 186 -1.90 -6.12 -9.89
CA TYR A 186 -2.88 -7.04 -9.34
C TYR A 186 -2.20 -8.32 -8.88
N ILE A 187 -2.39 -8.66 -7.62
CA ILE A 187 -1.92 -9.92 -7.07
C ILE A 187 -3.12 -10.80 -6.85
N ASP A 188 -3.15 -11.95 -7.53
CA ASP A 188 -4.31 -12.84 -7.44
C ASP A 188 -4.22 -13.87 -6.32
N GLU A 189 -5.17 -14.79 -6.31
CA GLU A 189 -5.28 -15.80 -5.26
C GLU A 189 -4.10 -16.76 -5.24
N LYS A 190 -3.40 -16.88 -6.36
CA LYS A 190 -2.26 -17.78 -6.47
C LYS A 190 -0.95 -17.04 -6.22
N ARG A 191 -1.08 -15.77 -5.83
CA ARG A 191 0.05 -14.85 -5.65
C ARG A 191 0.79 -14.51 -6.94
N ASP A 192 0.17 -14.83 -8.07
CA ASP A 192 0.71 -14.39 -9.34
C ASP A 192 0.44 -12.91 -9.48
N PHE A 193 1.33 -12.21 -10.16
CA PHE A 193 1.17 -10.77 -10.25
C PHE A 193 1.36 -10.27 -11.67
N ARG A 194 0.65 -9.19 -11.98
CA ARG A 194 0.82 -8.47 -13.22
C ARG A 194 0.69 -6.99 -12.94
N THR A 195 1.44 -6.18 -13.66
CA THR A 195 1.28 -4.74 -13.60
C THR A 195 0.71 -4.28 -14.93
N TYR A 196 -0.37 -3.50 -14.87
CA TYR A 196 -1.04 -3.02 -16.07
C TYR A 196 -1.01 -1.50 -16.12
N ARG A 197 -0.86 -0.95 -17.31
CA ARG A 197 -1.11 0.46 -17.52
C ARG A 197 -2.62 0.65 -17.62
N LEU A 198 -3.16 1.55 -16.81
CA LEU A 198 -4.61 1.73 -16.78
C LEU A 198 -5.18 2.12 -18.14
N SER A 199 -4.47 2.97 -18.86
CA SER A 199 -4.91 3.38 -20.20
C SER A 199 -4.93 2.19 -21.16
N LEU A 200 -4.05 1.23 -20.93
CA LEU A 200 -4.02 0.03 -21.76
C LEU A 200 -5.14 -0.94 -21.43
N LEU A 201 -5.62 -0.91 -20.19
CA LEU A 201 -6.81 -1.69 -19.84
C LEU A 201 -8.03 -1.13 -20.58
N GLU A 202 -8.07 0.18 -20.76
CA GLU A 202 -9.11 0.81 -21.56
C GLU A 202 -9.01 0.32 -23.00
N GLU A 203 -7.78 0.16 -23.46
CA GLU A 203 -7.52 -0.19 -24.85
C GLU A 203 -7.78 -1.67 -25.15
N TYR A 204 -7.46 -2.54 -24.20
CA TYR A 204 -7.49 -3.97 -24.46
C TYR A 204 -8.48 -4.76 -23.62
N GLY A 205 -9.01 -4.12 -22.58
CA GLY A 205 -9.98 -4.77 -21.71
C GLY A 205 -9.34 -5.63 -20.64
N CYS A 206 -10.18 -6.20 -19.78
CA CYS A 206 -9.70 -7.11 -18.74
C CYS A 206 -10.83 -8.02 -18.28
N CYS A 207 -10.49 -9.02 -17.49
CA CYS A 207 -11.48 -9.96 -16.98
C CYS A 207 -12.39 -9.29 -15.96
N LYS A 208 -13.55 -9.88 -15.72
CA LYS A 208 -14.52 -9.30 -14.81
C LYS A 208 -14.01 -9.21 -13.38
N GLU A 209 -13.11 -10.13 -13.01
CA GLU A 209 -12.53 -10.12 -11.68
C GLU A 209 -11.73 -8.85 -11.41
N LEU A 210 -10.85 -8.50 -12.35
CA LEU A 210 -10.07 -7.28 -12.22
C LEU A 210 -10.96 -6.05 -12.37
N ALA A 211 -11.90 -6.10 -13.30
CA ALA A 211 -12.82 -4.99 -13.52
C ALA A 211 -13.62 -4.65 -12.27
N SER A 212 -14.11 -5.68 -11.57
CA SER A 212 -14.89 -5.47 -10.36
C SER A 212 -14.05 -4.83 -9.26
N ARG A 213 -12.81 -5.28 -9.12
CA ARG A 213 -11.93 -4.74 -8.11
C ARG A 213 -11.53 -3.30 -8.43
N LEU A 214 -11.46 -2.95 -9.70
CA LEU A 214 -11.17 -1.57 -10.08
C LEU A 214 -12.36 -0.65 -9.83
N ARG A 215 -13.56 -1.19 -9.94
CA ARG A 215 -14.76 -0.43 -9.58
C ARG A 215 -14.76 -0.16 -8.08
N TYR A 216 -14.41 -1.18 -7.30
CA TYR A 216 -14.31 -1.02 -5.86
C TYR A 216 -13.22 -0.02 -5.49
N ALA A 217 -12.09 -0.09 -6.18
CA ALA A 217 -10.98 0.82 -5.93
C ALA A 217 -11.40 2.28 -6.12
N ARG A 218 -12.19 2.54 -7.15
CA ARG A 218 -12.69 3.89 -7.37
C ARG A 218 -13.49 4.40 -6.17
N THR A 219 -14.34 3.55 -5.63
CA THR A 219 -15.14 3.94 -4.47
C THR A 219 -14.27 4.21 -3.24
N MET A 220 -13.18 3.46 -3.12
CA MET A 220 -12.24 3.66 -2.01
C MET A 220 -11.48 4.97 -2.16
N VAL A 221 -11.14 5.32 -3.39
CA VAL A 221 -10.45 6.58 -3.65
C VAL A 221 -11.38 7.76 -3.36
N ASP A 222 -12.66 7.59 -3.71
CA ASP A 222 -13.67 8.59 -3.36
C ASP A 222 -13.73 8.81 -1.85
N LYS A 223 -13.62 7.73 -1.08
CA LYS A 223 -13.62 7.85 0.38
C LYS A 223 -12.38 8.57 0.88
N LEU A 224 -11.23 8.27 0.30
CA LEU A 224 -9.99 8.95 0.66
C LEU A 224 -10.10 10.44 0.37
N LEU A 225 -10.60 10.78 -0.81
CA LEU A 225 -10.73 12.18 -1.22
C LEU A 225 -11.75 12.96 -0.38
N SER A 226 -12.86 12.32 -0.04
CA SER A 226 -13.92 13.00 0.71
C SER A 226 -13.62 13.09 2.19
N SER A 227 -12.54 12.44 2.64
CA SER A 227 -12.17 12.46 4.05
C SER A 227 -10.76 12.99 4.27
N ARG A 228 -10.23 13.72 3.29
CA ARG A 228 -8.91 14.33 3.41
C ARG A 228 -8.89 15.39 4.52
C ACE B 1 -10.72 -8.55 10.83
O ACE B 1 -10.56 -8.38 12.03
CH3 ACE B 1 -12.04 -8.19 10.18
N PRO B 2 -9.71 -9.07 10.08
CA PRO B 2 -8.39 -9.46 10.58
C PRO B 2 -7.61 -8.27 11.14
N LEU B 3 -6.83 -8.49 12.23
CA LEU B 3 -6.04 -7.40 12.86
C LEU B 3 -4.60 -7.41 12.37
C 2SO B 4 -3.01 -8.98 9.54
CA 2SO B 4 -2.88 -8.33 10.88
CB 2SO B 4 -1.82 -9.03 11.72
C12 2SO B 4 -2.27 -10.39 12.18
C13 2SO B 4 -2.26 -11.54 11.48
N14 2SO B 4 -2.77 -12.50 12.30
C15 2SO B 4 -3.09 -11.96 13.44
N16 2SO B 4 -2.80 -10.65 13.43
C17 2SO B 4 -2.99 -9.68 14.51
C18 2SO B 4 -1.69 -9.64 15.28
C19 2SO B 4 -1.75 -8.58 16.37
C20 2SO B 4 -0.39 -8.59 17.06
C21 2SO B 4 -0.29 -7.31 17.86
C22 2SO B 4 1.04 -7.31 18.64
C23 2SO B 4 2.14 -6.82 17.70
C24 2SO B 4 3.45 -6.59 18.51
C25 2SO B 4 3.33 -5.45 19.50
C26 2SO B 4 3.23 -4.14 19.04
C27 2SO B 4 3.11 -3.10 19.91
C28 2SO B 4 3.10 -3.32 21.27
C29 2SO B 4 3.18 -4.61 21.75
C30 2SO B 4 3.31 -5.68 20.88
N 2SO B 4 -4.26 -8.28 11.41
O 2SO B 4 -4.01 -9.63 9.23
CCA 2SO B 4 -2.95 -13.92 11.94
N SER B 5 -1.95 -8.80 8.73
CA SER B 5 -1.89 -9.35 7.39
C SER B 5 -1.69 -10.84 7.42
N TPO B 6 -1.74 -11.50 6.26
CA TPO B 6 -1.58 -12.95 6.16
CB TPO B 6 -1.81 -13.34 4.70
CG2 TPO B 6 -1.93 -14.84 4.48
OG1 TPO B 6 -3.04 -12.80 4.24
P TPO B 6 -3.01 -11.64 3.11
O1P TPO B 6 -2.36 -10.48 3.73
O2P TPO B 6 -4.56 -11.42 2.83
O3P TPO B 6 -2.26 -12.18 1.86
C TPO B 6 -0.31 -13.56 6.66
O TPO B 6 0.75 -13.07 6.37
N NH2 B 7 -0.45 -14.68 7.43
#